data_1XBW
#
_entry.id   1XBW
#
_cell.length_a   51.742
_cell.length_b   66.779
_cell.length_c   67.678
_cell.angle_alpha   90.00
_cell.angle_beta   105.18
_cell.angle_gamma   90.00
#
_symmetry.space_group_name_H-M   'P 1 21 1'
#
loop_
_entity.id
_entity.type
_entity.pdbx_description
1 polymer 'hypothetical protein isdG'
2 water water
#
_entity_poly.entity_id   1
_entity_poly.type   'polypeptide(L)'
_entity_poly.pdbx_seq_one_letter_code
;ETMKFMAENRLTLTKGTAKDIIERFYTRHGIETLEGFDGMFVTQTLEQEDFDEVKILTVWKSKQAFTDWLKSDVFKAAHK
HVRSKNEDESSPIINNKVITYDIGYSYMK
;
_entity_poly.pdbx_strand_id   A,B,C,D
#
# COMPACT_ATOMS: atom_id res chain seq x y z
N GLU A 1 11.71 -6.36 -27.03
CA GLU A 1 12.79 -6.75 -26.07
C GLU A 1 12.30 -7.24 -24.70
N THR A 2 11.47 -6.44 -24.03
CA THR A 2 10.95 -6.83 -22.72
C THR A 2 9.45 -6.56 -22.63
N MET A 3 8.82 -7.13 -21.59
CA MET A 3 7.38 -6.99 -21.35
C MET A 3 6.51 -7.54 -22.49
N LYS A 4 6.86 -8.74 -22.94
CA LYS A 4 6.14 -9.40 -24.02
C LYS A 4 5.27 -10.56 -23.56
N PHE A 5 5.55 -11.07 -22.37
CA PHE A 5 4.80 -12.20 -21.85
C PHE A 5 4.45 -11.99 -20.37
N MET A 6 3.21 -12.30 -20.00
CA MET A 6 2.77 -12.14 -18.61
C MET A 6 2.25 -13.46 -18.08
N ALA A 7 2.56 -13.74 -16.82
CA ALA A 7 2.09 -14.97 -16.19
C ALA A 7 1.31 -14.55 -14.94
N GLU A 8 0.25 -15.29 -14.64
CA GLU A 8 -0.59 -14.99 -13.50
C GLU A 8 -0.88 -16.22 -12.64
N ASN A 9 -0.57 -16.14 -11.35
CA ASN A 9 -0.90 -17.23 -10.42
C ASN A 9 -2.13 -16.67 -9.72
N ARG A 10 -3.30 -17.26 -9.96
CA ARG A 10 -4.51 -16.75 -9.36
C ARG A 10 -4.88 -17.59 -8.15
N LEU A 11 -4.93 -16.93 -7.00
CA LEU A 11 -5.24 -17.61 -5.76
C LEU A 11 -6.61 -17.25 -5.20
N THR A 12 -7.43 -18.27 -5.01
CA THR A 12 -8.76 -18.07 -4.44
C THR A 12 -8.61 -18.42 -2.97
N LEU A 13 -8.83 -17.42 -2.11
CA LEU A 13 -8.68 -17.62 -0.68
C LEU A 13 -9.93 -17.42 0.16
N THR A 14 -9.85 -17.90 1.39
CA THR A 14 -10.94 -17.72 2.33
C THR A 14 -11.00 -16.22 2.54
N LYS A 15 -12.20 -15.65 2.59
CA LYS A 15 -12.31 -14.21 2.77
C LYS A 15 -11.65 -13.72 4.07
N GLY A 16 -10.82 -12.69 3.96
CA GLY A 16 -10.15 -12.14 5.13
C GLY A 16 -8.67 -12.44 5.25
N THR A 17 -8.21 -13.46 4.53
CA THR A 17 -6.80 -13.86 4.59
C THR A 17 -5.87 -13.21 3.56
N ALA A 18 -6.41 -12.35 2.70
CA ALA A 18 -5.63 -11.69 1.65
C ALA A 18 -4.37 -10.93 2.09
N LYS A 19 -4.46 -10.14 3.15
CA LYS A 19 -3.30 -9.38 3.59
C LYS A 19 -2.10 -10.24 3.98
N ASP A 20 -2.34 -11.24 4.83
CA ASP A 20 -1.28 -12.15 5.29
C ASP A 20 -0.59 -12.86 4.13
N ILE A 21 -1.35 -13.25 3.13
CA ILE A 21 -0.82 -13.94 1.95
C ILE A 21 0.06 -12.98 1.16
N ILE A 22 -0.45 -11.77 0.92
CA ILE A 22 0.29 -10.77 0.16
C ILE A 22 1.62 -10.40 0.78
N GLU A 23 1.66 -10.20 2.09
CA GLU A 23 2.90 -9.85 2.78
C GLU A 23 3.95 -10.94 2.54
N ARG A 24 3.47 -12.15 2.28
CA ARG A 24 4.34 -13.28 2.04
C ARG A 24 5.16 -13.08 0.76
N PHE A 25 4.74 -12.14 -0.08
CA PHE A 25 5.47 -11.90 -1.30
C PHE A 25 6.43 -10.73 -1.27
N TYR A 26 6.61 -10.11 -0.11
CA TYR A 26 7.55 -9.00 -0.03
C TYR A 26 8.98 -9.53 -0.10
N THR A 27 9.13 -10.83 0.14
CA THR A 27 10.41 -11.52 0.06
C THR A 27 10.32 -12.31 -1.25
N ARG A 28 10.83 -11.73 -2.34
CA ARG A 28 10.74 -12.39 -3.64
C ARG A 28 11.70 -13.54 -3.98
N HIS A 29 12.61 -13.85 -3.05
CA HIS A 29 13.53 -14.97 -3.23
C HIS A 29 14.50 -14.92 -4.41
N GLY A 30 14.77 -13.71 -4.90
CA GLY A 30 15.71 -13.55 -6.00
C GLY A 30 15.17 -13.69 -7.41
N ILE A 31 13.87 -13.50 -7.61
CA ILE A 31 13.33 -13.63 -8.95
C ILE A 31 13.87 -12.53 -9.86
N GLU A 32 14.27 -11.40 -9.27
CA GLU A 32 14.80 -10.28 -10.03
C GLU A 32 16.19 -10.55 -10.61
N THR A 33 16.83 -11.62 -10.17
CA THR A 33 18.16 -11.96 -10.66
C THR A 33 18.09 -12.69 -12.00
N LEU A 34 16.88 -12.94 -12.48
CA LEU A 34 16.69 -13.65 -13.74
C LEU A 34 16.78 -12.72 -14.94
N GLY A 36 15.44 -12.39 -17.85
CA GLY A 36 14.25 -12.21 -18.65
C GLY A 36 13.06 -11.72 -17.85
N PHE A 37 13.28 -11.47 -16.55
CA PHE A 37 12.23 -10.99 -15.64
C PHE A 37 12.15 -9.46 -15.73
N ASP A 38 10.94 -8.94 -15.91
CA ASP A 38 10.78 -7.49 -16.02
C ASP A 38 10.03 -6.85 -14.84
N GLY A 39 9.28 -7.64 -14.08
CA GLY A 39 8.54 -7.07 -12.96
C GLY A 39 7.44 -7.96 -12.43
N MET A 40 6.82 -7.55 -11.33
CA MET A 40 5.72 -8.33 -10.75
C MET A 40 4.75 -7.47 -9.96
N PHE A 41 3.51 -7.91 -9.96
CA PHE A 41 2.43 -7.23 -9.26
C PHE A 41 1.64 -8.26 -8.48
N VAL A 42 1.32 -7.91 -7.23
CA VAL A 42 0.52 -8.78 -6.39
C VAL A 42 -0.68 -7.92 -6.05
N THR A 43 -1.85 -8.37 -6.48
CA THR A 43 -3.06 -7.61 -6.28
C THR A 43 -4.12 -8.33 -5.47
N GLN A 44 -5.11 -7.57 -5.05
CA GLN A 44 -6.25 -8.11 -4.33
C GLN A 44 -7.48 -7.55 -5.06
N THR A 45 -8.37 -8.43 -5.50
CA THR A 45 -9.57 -7.99 -6.19
C THR A 45 -10.46 -7.25 -5.22
N LEU A 46 -10.94 -6.09 -5.61
CA LEU A 46 -11.81 -5.30 -4.75
C LEU A 46 -13.27 -5.69 -4.87
N GLU A 47 -14.03 -5.31 -3.86
CA GLU A 47 -15.46 -5.59 -3.82
C GLU A 47 -15.84 -7.06 -3.81
N GLN A 48 -15.02 -7.90 -3.17
CA GLN A 48 -15.32 -9.32 -3.08
C GLN A 48 -15.94 -9.58 -1.72
N GLU A 49 -17.06 -10.27 -1.70
CA GLU A 49 -17.77 -10.55 -0.45
C GLU A 49 -17.54 -11.96 0.05
N ASP A 50 -17.56 -12.89 -0.89
CA ASP A 50 -17.47 -14.30 -0.56
C ASP A 50 -16.12 -14.96 -0.46
N PHE A 51 -15.17 -14.52 -1.28
CA PHE A 51 -13.81 -15.08 -1.28
C PHE A 51 -12.84 -13.97 -1.56
N ASP A 52 -11.59 -14.16 -1.20
CA ASP A 52 -10.59 -13.16 -1.53
C ASP A 52 -9.86 -13.74 -2.73
N GLU A 53 -9.36 -12.88 -3.61
CA GLU A 53 -8.63 -13.32 -4.77
C GLU A 53 -7.35 -12.54 -4.85
N VAL A 54 -6.23 -13.24 -4.84
CA VAL A 54 -4.93 -12.61 -4.93
C VAL A 54 -4.31 -13.11 -6.21
N LYS A 55 -3.82 -12.19 -7.04
CA LYS A 55 -3.18 -12.56 -8.28
C LYS A 55 -1.71 -12.16 -8.24
N ILE A 56 -0.83 -13.08 -8.59
CA ILE A 56 0.58 -12.77 -8.65
C ILE A 56 0.92 -12.67 -10.14
N LEU A 57 1.07 -11.44 -10.64
CA LEU A 57 1.36 -11.22 -12.05
C LEU A 57 2.85 -10.99 -12.30
N THR A 58 3.42 -11.78 -13.20
CA THR A 58 4.83 -11.63 -13.54
C THR A 58 4.92 -11.28 -15.03
N VAL A 59 5.77 -10.30 -15.31
CA VAL A 59 5.99 -9.84 -16.68
C VAL A 59 7.39 -10.28 -17.11
N TRP A 60 7.48 -10.86 -18.29
CA TRP A 60 8.75 -11.36 -18.81
C TRP A 60 8.97 -10.87 -20.23
N LYS A 61 10.16 -11.10 -20.76
CA LYS A 61 10.47 -10.66 -22.11
C LYS A 61 10.10 -11.74 -23.10
N SER A 62 9.79 -12.94 -22.59
CA SER A 62 9.42 -14.07 -23.45
C SER A 62 8.82 -15.19 -22.63
N LYS A 63 8.09 -16.07 -23.30
CA LYS A 63 7.47 -17.21 -22.64
C LYS A 63 8.54 -18.12 -22.03
N GLN A 64 9.66 -18.25 -22.75
CA GLN A 64 10.74 -19.10 -22.29
C GLN A 64 11.36 -18.61 -20.98
N ALA A 65 11.38 -17.29 -20.80
CA ALA A 65 11.92 -16.70 -19.58
C ALA A 65 11.10 -17.22 -18.39
N PHE A 66 9.79 -17.32 -18.62
CA PHE A 66 8.84 -17.80 -17.63
C PHE A 66 8.99 -19.30 -17.45
N THR A 67 9.00 -20.06 -18.54
CA THR A 67 9.12 -21.51 -18.42
C THR A 67 10.44 -21.92 -17.75
N ASP A 68 11.51 -21.18 -18.00
CA ASP A 68 12.79 -21.48 -17.36
C ASP A 68 12.67 -21.20 -15.87
N TRP A 69 11.95 -20.13 -15.53
CA TRP A 69 11.74 -19.76 -14.13
C TRP A 69 11.00 -20.88 -13.39
N LEU A 70 10.01 -21.47 -14.05
CA LEU A 70 9.24 -22.57 -13.47
C LEU A 70 10.19 -23.69 -13.05
N LYS A 71 11.31 -23.79 -13.77
CA LYS A 71 12.31 -24.80 -13.49
C LYS A 71 13.46 -24.35 -12.59
N SER A 72 13.40 -23.14 -12.05
CA SER A 72 14.48 -22.64 -11.19
C SER A 72 14.36 -22.93 -9.70
N ASP A 73 15.46 -22.70 -8.99
CA ASP A 73 15.52 -22.90 -7.54
C ASP A 73 14.78 -21.76 -6.85
N VAL A 74 14.78 -20.59 -7.47
CA VAL A 74 14.09 -19.44 -6.89
C VAL A 74 12.59 -19.67 -6.94
N PHE A 75 12.13 -20.41 -7.94
CA PHE A 75 10.71 -20.73 -8.05
C PHE A 75 10.36 -21.64 -6.87
N LYS A 76 11.18 -22.66 -6.64
CA LYS A 76 10.94 -23.60 -5.54
C LYS A 76 10.87 -22.91 -4.18
N ALA A 77 11.81 -22.01 -3.91
CA ALA A 77 11.85 -21.29 -2.64
C ALA A 77 10.63 -20.39 -2.44
N ALA A 78 10.15 -19.78 -3.51
CA ALA A 78 8.99 -18.90 -3.42
C ALA A 78 7.71 -19.71 -3.27
N HIS A 79 7.67 -20.88 -3.90
CA HIS A 79 6.52 -21.76 -3.85
C HIS A 79 6.44 -22.43 -2.49
N LYS A 80 7.59 -22.66 -1.87
CA LYS A 80 7.66 -23.28 -0.56
C LYS A 80 7.45 -22.26 0.57
N HIS A 81 7.78 -21.00 0.31
CA HIS A 81 7.60 -19.94 1.30
C HIS A 81 6.11 -19.66 1.52
N VAL A 82 5.33 -19.70 0.44
CA VAL A 82 3.89 -19.45 0.50
C VAL A 82 3.12 -20.77 0.55
N PRO A 92 -5.39 -21.36 3.76
CA PRO A 92 -6.13 -20.22 3.22
C PRO A 92 -6.46 -20.42 1.74
N ILE A 93 -5.44 -20.82 0.98
CA ILE A 93 -5.57 -21.03 -0.44
C ILE A 93 -6.47 -22.20 -0.79
N ILE A 94 -7.67 -21.87 -1.24
CA ILE A 94 -8.68 -22.84 -1.64
C ILE A 94 -8.35 -23.36 -3.03
N ASN A 95 -8.08 -22.42 -3.94
CA ASN A 95 -7.73 -22.75 -5.31
C ASN A 95 -6.45 -22.06 -5.73
N ASN A 96 -5.83 -22.60 -6.78
CA ASN A 96 -4.59 -22.07 -7.30
C ASN A 96 -4.54 -22.41 -8.79
N LYS A 97 -4.64 -21.39 -9.62
CA LYS A 97 -4.65 -21.57 -11.07
C LYS A 97 -3.59 -20.71 -11.75
N VAL A 98 -3.01 -21.19 -12.85
CA VAL A 98 -2.01 -20.42 -13.57
C VAL A 98 -2.53 -20.10 -14.96
N ILE A 99 -2.35 -18.84 -15.37
CA ILE A 99 -2.80 -18.38 -16.67
C ILE A 99 -1.64 -17.60 -17.29
N THR A 100 -1.53 -17.65 -18.62
CA THR A 100 -0.44 -16.95 -19.28
C THR A 100 -0.98 -16.05 -20.40
N TYR A 101 -0.22 -15.03 -20.78
CA TYR A 101 -0.70 -14.09 -21.78
C TYR A 101 0.41 -13.54 -22.63
N ASP A 102 0.04 -13.07 -23.82
CA ASP A 102 0.96 -12.39 -24.73
C ASP A 102 0.68 -10.92 -24.45
N ILE A 103 1.69 -10.14 -24.08
CA ILE A 103 1.43 -8.72 -23.86
C ILE A 103 1.57 -8.10 -25.24
N GLY A 104 0.45 -7.65 -25.80
CA GLY A 104 0.49 -7.07 -27.12
C GLY A 104 0.77 -5.59 -27.10
N TYR A 105 0.77 -5.00 -25.92
CA TYR A 105 1.01 -3.57 -25.78
C TYR A 105 1.21 -3.19 -24.33
N SER A 106 2.25 -2.42 -24.08
CA SER A 106 2.56 -1.95 -22.72
C SER A 106 3.07 -0.52 -22.79
N TYR A 107 2.71 0.27 -21.79
CA TYR A 107 3.14 1.65 -21.71
C TYR A 107 3.43 1.98 -20.26
N MET A 108 4.71 1.92 -19.88
CA MET A 108 5.11 2.25 -18.52
C MET A 108 5.66 3.66 -18.54
N LYS A 109 5.01 4.58 -17.84
CA LYS A 109 5.45 5.96 -17.81
C LYS A 109 6.40 6.24 -16.65
N THR B 2 3.11 5.53 -6.02
CA THR B 2 3.17 4.87 -7.35
C THR B 2 2.44 3.52 -7.35
N MET B 3 2.07 3.04 -8.52
CA MET B 3 1.36 1.76 -8.70
C MET B 3 0.75 1.14 -7.44
N LYS B 4 -0.47 1.54 -7.09
CA LYS B 4 -1.12 0.98 -5.91
C LYS B 4 -2.55 0.55 -6.21
N PHE B 5 -2.97 0.78 -7.45
CA PHE B 5 -4.31 0.44 -7.87
C PHE B 5 -4.31 -0.02 -9.32
N MET B 6 -5.09 -1.06 -9.61
CA MET B 6 -5.17 -1.58 -10.98
C MET B 6 -6.62 -1.73 -11.43
N ALA B 7 -6.91 -1.29 -12.66
CA ALA B 7 -8.25 -1.41 -13.23
C ALA B 7 -8.11 -2.36 -14.42
N GLU B 8 -9.08 -3.26 -14.57
CA GLU B 8 -9.02 -4.22 -15.65
C GLU B 8 -10.29 -4.22 -16.46
N ASN B 9 -10.14 -4.08 -17.77
CA ASN B 9 -11.27 -4.13 -18.64
C ASN B 9 -11.09 -5.48 -19.33
N ARG B 10 -11.90 -6.46 -18.94
CA ARG B 10 -11.82 -7.80 -19.49
C ARG B 10 -12.84 -8.01 -20.58
N LEU B 11 -12.34 -8.33 -21.77
CA LEU B 11 -13.18 -8.56 -22.93
C LEU B 11 -13.18 -10.02 -23.36
N THR B 12 -14.35 -10.65 -23.37
CA THR B 12 -14.49 -12.04 -23.82
C THR B 12 -14.95 -11.89 -25.28
N LEU B 13 -14.24 -12.58 -26.17
CA LEU B 13 -14.51 -12.52 -27.61
C LEU B 13 -14.76 -13.91 -28.18
N THR B 14 -15.41 -13.98 -29.34
CA THR B 14 -15.64 -15.26 -29.98
C THR B 14 -14.26 -15.77 -30.42
N LYS B 15 -14.00 -17.06 -30.23
CA LYS B 15 -12.70 -17.65 -30.55
C LYS B 15 -12.15 -17.35 -31.93
N GLY B 16 -11.04 -16.61 -31.97
CA GLY B 16 -10.41 -16.25 -33.22
C GLY B 16 -10.44 -14.78 -33.60
N THR B 17 -11.30 -13.99 -32.97
CA THR B 17 -11.41 -12.56 -33.30
C THR B 17 -10.48 -11.61 -32.54
N ALA B 18 -9.68 -12.14 -31.64
CA ALA B 18 -8.77 -11.31 -30.85
C ALA B 18 -7.77 -10.60 -31.75
N LYS B 19 -7.27 -11.32 -32.74
CA LYS B 19 -6.26 -10.80 -33.67
C LYS B 19 -6.47 -9.33 -34.02
N ASP B 20 -7.46 -9.06 -34.86
CA ASP B 20 -7.76 -7.70 -35.31
C ASP B 20 -8.16 -6.74 -34.19
N ILE B 21 -9.36 -6.92 -33.65
CA ILE B 21 -9.89 -6.08 -32.58
C ILE B 21 -8.87 -5.51 -31.58
N ILE B 22 -7.93 -6.33 -31.14
CA ILE B 22 -6.94 -5.92 -30.14
C ILE B 22 -6.13 -4.65 -30.41
N GLU B 23 -5.78 -4.39 -31.66
CA GLU B 23 -4.98 -3.23 -31.99
C GLU B 23 -5.63 -1.87 -31.71
N ARG B 24 -6.94 -1.86 -31.50
CA ARG B 24 -7.66 -0.62 -31.23
C ARG B 24 -7.51 -0.17 -29.77
N PHE B 25 -6.94 -1.04 -28.94
CA PHE B 25 -6.74 -0.73 -27.53
C PHE B 25 -5.31 -0.32 -27.25
N TYR B 26 -4.43 -0.59 -28.20
CA TYR B 26 -3.02 -0.20 -28.06
C TYR B 26 -2.92 1.33 -27.98
N THR B 27 -3.99 2.02 -28.37
CA THR B 27 -4.04 3.47 -28.34
C THR B 27 -4.07 3.94 -26.89
N GLY B 30 -4.46 10.11 -24.80
CA GLY B 30 -3.75 10.94 -23.84
C GLY B 30 -4.12 10.68 -22.38
N ILE B 31 -3.97 9.43 -21.95
CA ILE B 31 -4.28 9.03 -20.57
C ILE B 31 -3.03 9.12 -19.71
N GLU B 32 -1.87 9.04 -20.35
CA GLU B 32 -0.59 9.11 -19.67
C GLU B 32 -0.31 10.53 -19.17
N THR B 33 -1.23 11.45 -19.45
CA THR B 33 -1.08 12.83 -19.04
C THR B 33 -1.56 13.04 -17.60
N LEU B 34 -2.36 12.12 -17.09
CA LEU B 34 -2.86 12.21 -15.71
C LEU B 34 -1.72 11.90 -14.74
N GLU B 35 -1.73 12.58 -13.59
CA GLU B 35 -0.67 12.39 -12.59
C GLU B 35 -0.81 11.06 -11.87
N GLY B 36 -2.05 10.66 -11.64
CA GLY B 36 -2.33 9.40 -10.95
C GLY B 36 -2.20 8.17 -11.83
N PHE B 37 -1.91 8.37 -13.12
CA PHE B 37 -1.76 7.25 -14.05
C PHE B 37 -0.32 6.77 -14.11
N ASP B 38 -0.11 5.46 -14.02
CA ASP B 38 1.25 4.91 -14.06
C ASP B 38 1.59 4.04 -15.26
N GLY B 39 0.60 3.42 -15.86
CA GLY B 39 0.89 2.57 -17.01
C GLY B 39 -0.23 1.64 -17.38
N MET B 40 -0.10 1.00 -18.54
CA MET B 40 -1.11 0.07 -19.01
C MET B 40 -0.56 -1.10 -19.81
N PHE B 41 -1.27 -2.21 -19.77
CA PHE B 41 -0.90 -3.42 -20.48
C PHE B 41 -2.14 -3.89 -21.21
N VAL B 42 -1.96 -4.42 -22.41
CA VAL B 42 -3.08 -4.98 -23.17
C VAL B 42 -2.63 -6.39 -23.42
N THR B 43 -3.41 -7.38 -22.96
CA THR B 43 -3.00 -8.76 -23.13
C THR B 43 -3.98 -9.62 -23.88
N GLN B 44 -3.50 -10.80 -24.27
CA GLN B 44 -4.31 -11.79 -24.95
C GLN B 44 -4.02 -13.10 -24.21
N THR B 45 -5.07 -13.79 -23.77
CA THR B 45 -4.90 -15.04 -23.03
C THR B 45 -4.50 -16.20 -23.93
N LEU B 46 -3.46 -16.91 -23.51
CA LEU B 46 -2.95 -18.04 -24.25
C LEU B 46 -3.69 -19.31 -23.84
N GLU B 47 -3.68 -20.30 -24.72
CA GLU B 47 -4.31 -21.58 -24.45
C GLU B 47 -5.78 -21.52 -24.07
N GLN B 48 -6.51 -20.51 -24.57
CA GLN B 48 -7.94 -20.38 -24.29
C GLN B 48 -8.73 -21.24 -25.26
N GLU B 49 -9.42 -22.24 -24.70
CA GLU B 49 -10.19 -23.19 -25.50
C GLU B 49 -11.42 -22.76 -26.29
N ASP B 50 -12.41 -22.18 -25.62
CA ASP B 50 -13.62 -21.85 -26.36
C ASP B 50 -13.82 -20.41 -26.76
N PHE B 51 -13.11 -19.50 -26.13
CA PHE B 51 -13.27 -18.10 -26.45
C PHE B 51 -11.94 -17.38 -26.35
N ASP B 52 -11.88 -16.17 -26.89
CA ASP B 52 -10.66 -15.39 -26.77
C ASP B 52 -10.86 -14.36 -25.67
N GLU B 53 -9.76 -13.88 -25.11
CA GLU B 53 -9.82 -12.92 -24.04
C GLU B 53 -8.78 -11.80 -24.17
N VAL B 54 -9.25 -10.55 -24.10
CA VAL B 54 -8.36 -9.40 -24.15
C VAL B 54 -8.58 -8.61 -22.86
N LYS B 55 -7.49 -8.26 -22.19
CA LYS B 55 -7.57 -7.48 -20.97
C LYS B 55 -6.76 -6.21 -21.11
N ILE B 56 -7.40 -5.08 -20.85
CA ILE B 56 -6.71 -3.80 -20.90
C ILE B 56 -6.48 -3.45 -19.44
N LEU B 57 -5.25 -3.62 -18.99
CA LEU B 57 -4.88 -3.33 -17.61
C LEU B 57 -4.25 -1.94 -17.48
N THR B 58 -4.69 -1.18 -16.50
CA THR B 58 -4.12 0.15 -16.26
C THR B 58 -3.75 0.27 -14.78
N VAL B 59 -2.55 0.78 -14.51
CA VAL B 59 -2.07 0.91 -13.15
C VAL B 59 -2.12 2.36 -12.71
N TRP B 60 -2.58 2.58 -11.48
CA TRP B 60 -2.74 3.93 -10.95
C TRP B 60 -2.09 4.11 -9.57
N LYS B 61 -1.88 5.36 -9.19
CA LYS B 61 -1.30 5.67 -7.89
C LYS B 61 -2.36 5.47 -6.82
N SER B 62 -3.62 5.66 -7.19
CA SER B 62 -4.74 5.49 -6.23
C SER B 62 -6.03 5.19 -6.97
N LYS B 63 -7.02 4.70 -6.24
CA LYS B 63 -8.33 4.40 -6.81
C LYS B 63 -8.95 5.71 -7.27
N GLN B 64 -8.55 6.79 -6.59
CA GLN B 64 -9.02 8.14 -6.85
C GLN B 64 -8.73 8.54 -8.29
N ALA B 65 -7.47 8.45 -8.67
CA ALA B 65 -7.06 8.79 -10.04
C ALA B 65 -7.99 8.13 -11.06
N PHE B 66 -8.10 6.81 -11.00
CA PHE B 66 -8.96 6.03 -11.91
C PHE B 66 -10.40 6.53 -11.91
N THR B 67 -10.96 6.73 -10.71
CA THR B 67 -12.32 7.21 -10.56
C THR B 67 -12.55 8.54 -11.29
N ASP B 68 -11.71 9.53 -10.97
CA ASP B 68 -11.81 10.82 -11.61
C ASP B 68 -11.77 10.62 -13.12
N TRP B 69 -10.72 9.94 -13.59
CA TRP B 69 -10.57 9.69 -15.02
C TRP B 69 -11.90 9.27 -15.65
N LEU B 70 -12.52 8.22 -15.12
CA LEU B 70 -13.78 7.73 -15.65
C LEU B 70 -14.91 8.76 -15.63
N LYS B 71 -14.97 9.57 -14.57
CA LYS B 71 -16.02 10.58 -14.46
C LYS B 71 -15.46 11.98 -14.28
N VAL B 82 -16.81 0.08 -28.40
CA VAL B 82 -16.62 -1.18 -27.66
C VAL B 82 -17.97 -1.72 -27.20
N ARG B 83 -18.91 -1.85 -28.12
CA ARG B 83 -20.24 -2.36 -27.80
C ARG B 83 -20.24 -3.89 -27.87
N SER B 84 -21.18 -4.51 -27.15
CA SER B 84 -21.27 -5.96 -27.13
C SER B 84 -22.32 -6.45 -28.11
N LYS B 85 -22.35 -7.77 -28.29
CA LYS B 85 -23.29 -8.42 -29.20
C LYS B 85 -24.74 -8.09 -28.86
N ASN B 86 -25.04 -8.07 -27.56
CA ASN B 86 -26.39 -7.77 -27.09
C ASN B 86 -26.81 -6.36 -27.54
N GLU B 87 -25.95 -5.73 -28.33
CA GLU B 87 -26.22 -4.39 -28.85
C GLU B 87 -26.11 -4.42 -30.37
N ASP B 88 -24.90 -4.69 -30.86
CA ASP B 88 -24.65 -4.80 -32.29
C ASP B 88 -24.30 -6.25 -32.57
N GLU B 89 -25.27 -7.01 -33.07
CA GLU B 89 -25.11 -8.43 -33.34
C GLU B 89 -23.83 -8.88 -34.05
N SER B 90 -23.12 -7.93 -34.65
CA SER B 90 -21.89 -8.25 -35.38
C SER B 90 -20.63 -8.16 -34.54
N SER B 91 -20.75 -7.65 -33.31
CA SER B 91 -19.60 -7.50 -32.44
C SER B 91 -19.02 -8.84 -32.03
N PRO B 92 -17.68 -8.92 -31.93
CA PRO B 92 -16.98 -10.15 -31.53
C PRO B 92 -16.98 -10.24 -30.01
N ILE B 93 -17.24 -9.10 -29.38
CA ILE B 93 -17.25 -8.98 -27.93
C ILE B 93 -18.51 -9.55 -27.27
N ILE B 94 -18.34 -10.70 -26.63
CA ILE B 94 -19.40 -11.40 -25.94
C ILE B 94 -19.72 -10.75 -24.60
N ASN B 95 -18.68 -10.38 -23.86
CA ASN B 95 -18.89 -9.76 -22.56
C ASN B 95 -17.80 -8.72 -22.31
N ASN B 96 -18.18 -7.63 -21.62
CA ASN B 96 -17.24 -6.56 -21.32
C ASN B 96 -17.37 -6.23 -19.85
N LYS B 97 -16.42 -6.70 -19.06
CA LYS B 97 -16.43 -6.49 -17.63
C LYS B 97 -15.30 -5.57 -17.15
N VAL B 98 -15.51 -4.93 -15.99
CA VAL B 98 -14.47 -4.07 -15.41
C VAL B 98 -14.20 -4.55 -13.98
N ILE B 99 -12.95 -4.90 -13.72
CA ILE B 99 -12.53 -5.38 -12.39
C ILE B 99 -11.49 -4.44 -11.79
N THR B 100 -11.57 -4.21 -10.48
CA THR B 100 -10.63 -3.32 -9.82
C THR B 100 -9.83 -4.03 -8.72
N TYR B 101 -8.56 -3.63 -8.57
CA TYR B 101 -7.66 -4.24 -7.59
C TYR B 101 -6.78 -3.25 -6.83
N ASP B 102 -6.37 -3.70 -5.65
CA ASP B 102 -5.43 -2.98 -4.81
C ASP B 102 -4.12 -3.67 -5.14
N ILE B 103 -3.08 -2.90 -5.44
CA ILE B 103 -1.78 -3.52 -5.70
C ILE B 103 -1.04 -3.52 -4.37
N GLY B 104 -1.01 -4.68 -3.71
CA GLY B 104 -0.36 -4.78 -2.42
C GLY B 104 1.15 -4.74 -2.50
N TYR B 105 1.69 -5.23 -3.61
CA TYR B 105 3.12 -5.25 -3.80
C TYR B 105 3.42 -5.18 -5.28
N SER B 106 4.54 -4.57 -5.63
CA SER B 106 4.95 -4.51 -7.02
C SER B 106 6.45 -4.27 -7.06
N TYR B 107 7.09 -4.78 -8.08
CA TYR B 107 8.52 -4.62 -8.23
C TYR B 107 8.80 -4.62 -9.72
N MET B 108 9.58 -3.63 -10.16
CA MET B 108 9.89 -3.50 -11.58
C MET B 108 11.38 -3.57 -11.91
N LYS B 109 11.68 -4.24 -13.04
CA LYS B 109 13.03 -4.41 -13.56
C LYS B 109 13.82 -5.56 -12.96
N THR C 2 -1.87 13.33 30.11
CA THR C 2 -1.28 14.68 29.78
C THR C 2 -0.50 14.65 28.46
N MET C 3 -0.26 13.45 27.94
CA MET C 3 0.44 13.25 26.66
C MET C 3 1.21 14.49 26.12
N LYS C 4 2.38 14.75 26.70
CA LYS C 4 3.21 15.88 26.29
C LYS C 4 4.53 15.51 25.60
N PHE C 5 4.91 14.24 25.69
CA PHE C 5 6.16 13.77 25.10
C PHE C 5 5.96 12.41 24.41
N MET C 6 6.67 12.20 23.30
CA MET C 6 6.58 10.94 22.57
C MET C 6 7.98 10.44 22.24
N ALA C 7 8.20 9.15 22.38
CA ALA C 7 9.49 8.55 22.05
C ALA C 7 9.20 7.54 20.97
N GLU C 8 10.14 7.40 20.05
CA GLU C 8 9.99 6.46 18.96
C GLU C 8 11.22 5.59 18.79
N ASN C 9 11.02 4.29 18.88
CA ASN C 9 12.10 3.35 18.66
C ASN C 9 11.84 2.91 17.23
N ARG C 10 12.67 3.37 16.31
CA ARG C 10 12.53 3.04 14.91
C ARG C 10 13.51 1.93 14.53
N LEU C 11 12.94 0.84 14.01
CA LEU C 11 13.71 -0.31 13.62
C LEU C 11 13.56 -0.54 12.14
N THR C 12 14.70 -0.61 11.44
CA THR C 12 14.70 -0.85 10.00
C THR C 12 15.10 -2.30 9.81
N LEU C 13 14.32 -3.03 9.02
CA LEU C 13 14.65 -4.43 8.82
C LEU C 13 14.65 -4.85 7.36
N THR C 14 15.20 -6.03 7.11
CA THR C 14 15.23 -6.59 5.78
C THR C 14 13.81 -6.67 5.26
N LYS C 15 13.63 -6.33 3.99
CA LYS C 15 12.32 -6.35 3.36
C LYS C 15 11.66 -7.68 3.59
N GLY C 16 10.42 -7.64 4.06
CA GLY C 16 9.67 -8.85 4.29
C GLY C 16 10.03 -9.70 5.50
N THR C 17 10.66 -9.12 6.52
CA THR C 17 11.01 -9.91 7.72
C THR C 17 10.23 -9.48 8.97
N ALA C 18 9.68 -8.27 8.96
CA ALA C 18 8.92 -7.80 10.13
C ALA C 18 7.81 -8.78 10.43
N LYS C 19 6.99 -9.03 9.40
CA LYS C 19 5.85 -9.96 9.48
C LYS C 19 5.91 -10.87 10.70
N ASP C 20 7.01 -11.60 10.83
CA ASP C 20 7.17 -12.51 11.94
C ASP C 20 7.60 -11.84 13.25
N ILE C 21 8.87 -11.44 13.32
CA ILE C 21 9.45 -10.84 14.52
C ILE C 21 8.84 -9.54 15.08
N ILE C 22 7.73 -9.05 14.52
CA ILE C 22 7.16 -7.81 15.03
C ILE C 22 6.38 -7.97 16.33
N GLU C 23 5.89 -9.17 16.61
CA GLU C 23 5.12 -9.43 17.81
C GLU C 23 5.94 -9.35 19.08
N ARG C 24 7.25 -9.45 18.95
CA ARG C 24 8.14 -9.38 20.11
C ARG C 24 8.03 -7.98 20.72
N PHE C 25 7.34 -7.08 20.01
CA PHE C 25 7.19 -5.70 20.45
C PHE C 25 5.81 -5.35 20.97
N TYR C 26 4.87 -6.28 20.87
CA TYR C 26 3.51 -6.04 21.36
C TYR C 26 3.53 -6.28 22.88
N THR C 27 4.66 -6.79 23.35
CA THR C 27 4.86 -7.10 24.77
C THR C 27 5.23 -5.84 25.57
N ARG C 28 4.37 -5.44 26.48
CA ARG C 28 4.63 -4.26 27.31
C ARG C 28 5.18 -4.76 28.63
N HIS C 29 6.48 -5.05 28.65
CA HIS C 29 7.12 -5.59 29.85
C HIS C 29 6.86 -4.79 31.13
N GLY C 30 5.59 -4.59 31.45
CA GLY C 30 5.21 -3.86 32.64
C GLY C 30 5.51 -2.38 32.53
N ILE C 31 5.37 -1.82 31.32
CA ILE C 31 5.65 -0.41 31.15
C ILE C 31 4.43 0.43 31.55
N GLU C 32 3.25 -0.16 31.46
CA GLU C 32 2.02 0.54 31.82
C GLU C 32 1.94 0.87 33.31
N THR C 33 2.83 0.28 34.10
CA THR C 33 2.83 0.52 35.54
C THR C 33 3.66 1.74 35.92
N LEU C 34 3.91 2.62 34.95
CA LEU C 34 4.68 3.83 35.20
C LEU C 34 3.69 4.99 35.22
N GLU C 35 3.87 5.88 36.20
CA GLU C 35 2.98 7.03 36.36
C GLU C 35 2.95 7.91 35.11
N GLY C 36 4.12 8.20 34.55
CA GLY C 36 4.18 9.06 33.38
C GLY C 36 3.81 8.44 32.04
N PHE C 37 3.65 7.12 32.00
CA PHE C 37 3.32 6.43 30.77
C PHE C 37 1.85 6.68 30.40
N ASP C 38 1.59 7.08 29.16
CA ASP C 38 0.22 7.32 28.75
C ASP C 38 -0.31 6.29 27.76
N GLY C 39 0.58 5.70 26.96
CA GLY C 39 0.16 4.71 25.98
C GLY C 39 1.24 4.37 24.96
N MET C 40 0.94 3.44 24.06
CA MET C 40 1.91 3.05 23.04
C MET C 40 1.24 2.51 21.80
N PHE C 41 2.01 2.50 20.71
CA PHE C 41 1.56 2.01 19.43
C PHE C 41 2.76 1.35 18.81
N VAL C 42 2.54 0.25 18.10
CA VAL C 42 3.64 -0.40 17.40
C VAL C 42 3.09 -0.44 16.00
N THR C 43 3.79 0.20 15.07
CA THR C 43 3.34 0.29 13.70
C THR C 43 4.31 -0.36 12.71
N GLN C 44 3.78 -0.65 11.53
CA GLN C 44 4.53 -1.23 10.42
C GLN C 44 4.23 -0.32 9.25
N THR C 45 5.26 0.35 8.72
CA THR C 45 5.06 1.28 7.61
C THR C 45 4.60 0.62 6.34
N LEU C 46 3.63 1.25 5.67
CA LEU C 46 3.09 0.72 4.42
C LEU C 46 3.77 1.29 3.18
N GLU C 47 3.87 0.46 2.15
CA GLU C 47 4.49 0.87 0.89
C GLU C 47 5.97 1.21 1.00
N GLN C 48 6.70 0.57 1.92
CA GLN C 48 8.12 0.86 2.05
C GLN C 48 8.93 0.00 1.10
N GLU C 49 9.48 0.67 0.09
CA GLU C 49 10.29 0.09 -0.98
C GLU C 49 11.12 -1.14 -0.68
N ASP C 50 12.40 -0.93 -0.39
CA ASP C 50 13.34 -2.02 -0.16
C ASP C 50 13.59 -2.50 1.26
N PHE C 51 12.82 -2.02 2.23
CA PHE C 51 13.02 -2.48 3.59
C PHE C 51 11.74 -2.47 4.36
N ASP C 52 11.75 -3.11 5.52
CA ASP C 52 10.59 -3.13 6.39
C ASP C 52 10.90 -2.15 7.52
N GLU C 53 9.88 -1.46 8.01
CA GLU C 53 10.08 -0.52 9.09
C GLU C 53 9.07 -0.71 10.20
N VAL C 54 9.56 -0.81 11.43
CA VAL C 54 8.71 -0.97 12.59
C VAL C 54 8.97 0.17 13.56
N LYS C 55 7.91 0.77 14.09
CA LYS C 55 8.08 1.86 15.03
C LYS C 55 7.35 1.54 16.32
N ILE C 56 8.04 1.74 17.45
CA ILE C 56 7.44 1.53 18.75
C ILE C 56 7.30 2.93 19.32
N LEU C 57 6.08 3.45 19.34
CA LEU C 57 5.82 4.80 19.84
C LEU C 57 5.22 4.77 21.24
N THR C 58 5.88 5.43 22.19
CA THR C 58 5.40 5.50 23.56
C THR C 58 5.08 6.95 23.92
N VAL C 59 3.90 7.15 24.49
CA VAL C 59 3.45 8.49 24.87
C VAL C 59 3.68 8.72 26.36
N TRP C 60 4.18 9.90 26.70
CA TRP C 60 4.46 10.23 28.09
C TRP C 60 3.92 11.60 28.50
N LYS C 61 3.80 11.83 29.80
CA LYS C 61 3.31 13.10 30.30
C LYS C 61 4.44 14.11 30.37
N SER C 62 5.68 13.60 30.34
CA SER C 62 6.85 14.45 30.38
C SER C 62 8.07 13.68 29.90
N LYS C 63 9.11 14.42 29.53
CA LYS C 63 10.35 13.84 29.05
C LYS C 63 11.03 13.10 30.21
N GLN C 64 10.74 13.54 31.43
CA GLN C 64 11.33 12.95 32.63
C GLN C 64 10.77 11.55 32.82
N ALA C 65 9.44 11.42 32.68
CA ALA C 65 8.81 10.11 32.81
C ALA C 65 9.54 9.16 31.87
N PHE C 66 9.83 9.63 30.65
CA PHE C 66 10.54 8.81 29.66
C PHE C 66 11.98 8.50 30.10
N THR C 67 12.72 9.53 30.48
CA THR C 67 14.11 9.34 30.92
C THR C 67 14.20 8.45 32.18
N ASP C 68 13.16 8.46 33.01
CA ASP C 68 13.11 7.63 34.22
C ASP C 68 13.06 6.16 33.81
N TRP C 69 12.10 5.87 32.93
CA TRP C 69 11.87 4.53 32.40
C TRP C 69 13.11 3.97 31.71
N LEU C 70 13.98 4.85 31.25
CA LEU C 70 15.21 4.45 30.56
C LEU C 70 16.21 3.83 31.54
N LYS C 71 16.03 4.10 32.83
CA LYS C 71 16.92 3.53 33.83
C LYS C 71 16.13 2.65 34.79
N SER C 72 15.86 1.42 34.34
CA SER C 72 15.10 0.41 35.08
C SER C 72 14.48 -0.60 34.11
N SER C 91 20.35 -11.15 12.23
CA SER C 91 19.19 -10.36 12.65
C SER C 91 18.56 -9.65 11.47
N PRO C 92 17.22 -9.48 11.52
CA PRO C 92 16.51 -8.80 10.43
C PRO C 92 16.72 -7.28 10.55
N ILE C 93 17.02 -6.83 11.76
CA ILE C 93 17.21 -5.42 12.09
C ILE C 93 18.45 -4.72 11.51
N ILE C 94 18.25 -4.01 10.41
CA ILE C 94 19.30 -3.27 9.72
C ILE C 94 19.81 -2.08 10.55
N ASN C 95 18.88 -1.39 11.22
CA ASN C 95 19.24 -0.23 12.03
C ASN C 95 18.26 0.01 13.18
N ASN C 96 18.76 0.49 14.31
CA ASN C 96 17.92 0.76 15.48
C ASN C 96 18.16 2.19 15.96
N LYS C 97 17.15 3.05 15.76
CA LYS C 97 17.26 4.46 16.13
C LYS C 97 16.16 4.90 17.09
N VAL C 98 16.50 5.82 17.98
CA VAL C 98 15.51 6.34 18.92
C VAL C 98 15.31 7.81 18.60
N ILE C 99 14.05 8.20 18.43
CA ILE C 99 13.68 9.59 18.14
C ILE C 99 12.70 10.10 19.21
N THR C 100 12.88 11.34 19.66
CA THR C 100 12.00 11.92 20.68
C THR C 100 11.27 13.16 20.15
N TYR C 101 10.06 13.39 20.67
CA TYR C 101 9.25 14.52 20.25
C TYR C 101 8.50 15.20 21.38
N ASP C 102 8.13 16.45 21.13
CA ASP C 102 7.30 17.22 22.05
C ASP C 102 5.92 17.11 21.41
N ILE C 103 4.90 16.77 22.19
CA ILE C 103 3.55 16.70 21.64
C ILE C 103 2.90 18.06 21.85
N GLY C 104 2.76 18.82 20.76
CA GLY C 104 2.19 20.15 20.85
C GLY C 104 0.68 20.21 20.90
N TYR C 105 0.03 19.11 20.59
CA TYR C 105 -1.43 19.03 20.60
C TYR C 105 -1.89 17.60 20.44
N SER C 106 -2.95 17.22 21.13
CA SER C 106 -3.49 15.87 21.00
C SER C 106 -5.00 15.87 21.16
N TYR C 107 -5.66 14.84 20.63
CA TYR C 107 -7.11 14.72 20.70
C TYR C 107 -7.48 13.25 20.47
N MET C 108 -8.07 12.63 21.49
CA MET C 108 -8.48 11.23 21.40
C MET C 108 -10.01 11.11 21.36
N LYS C 109 -10.50 10.13 20.60
CA LYS C 109 -11.93 9.85 20.44
C LYS C 109 -12.61 10.64 19.32
N THR D 2 -10.97 -0.77 16.47
CA THR D 2 -10.52 0.62 16.16
C THR D 2 -9.01 0.74 16.36
N MET D 3 -8.44 1.90 16.05
CA MET D 3 -7.01 2.17 16.15
C MET D 3 -6.18 1.04 15.49
N LYS D 4 -6.41 0.87 14.19
CA LYS D 4 -5.73 -0.15 13.40
C LYS D 4 -4.98 0.48 12.23
N PHE D 5 -5.14 1.79 12.06
CA PHE D 5 -4.49 2.50 10.96
C PHE D 5 -3.99 3.89 11.35
N MET D 6 -2.75 4.21 11.00
CA MET D 6 -2.21 5.54 11.32
C MET D 6 -1.74 6.26 10.05
N ALA D 7 -2.02 7.56 10.00
CA ALA D 7 -1.60 8.40 8.89
C ALA D 7 -0.70 9.48 9.50
N GLU D 8 0.35 9.86 8.77
CA GLU D 8 1.28 10.87 9.25
C GLU D 8 1.57 11.89 8.16
N ASN D 9 1.40 13.16 8.46
CA ASN D 9 1.72 14.21 7.49
C ASN D 9 3.00 14.85 8.03
N ARG D 10 4.13 14.49 7.45
CA ARG D 10 5.44 14.97 7.87
C ARG D 10 5.87 16.25 7.19
N LEU D 11 5.81 17.36 7.92
CA LEU D 11 6.16 18.67 7.39
C LEU D 11 7.58 19.08 7.76
N THR D 12 8.37 19.43 6.75
CA THR D 12 9.73 19.90 6.99
C THR D 12 9.58 21.41 6.93
N LEU D 13 9.95 22.07 8.01
CA LEU D 13 9.79 23.51 8.11
C LEU D 13 11.09 24.26 8.30
N THR D 14 11.02 25.56 8.05
CA THR D 14 12.15 26.44 8.26
C THR D 14 12.35 26.35 9.77
N LYS D 15 13.59 26.25 10.22
CA LYS D 15 13.84 26.15 11.66
C LYS D 15 13.24 27.33 12.44
N GLY D 16 12.57 27.02 13.55
CA GLY D 16 11.96 28.05 14.37
C GLY D 16 10.49 28.34 14.06
N THR D 17 9.92 27.64 13.08
CA THR D 17 8.53 27.87 12.70
C THR D 17 7.56 26.81 13.23
N ALA D 18 8.08 25.80 13.92
CA ALA D 18 7.24 24.75 14.46
C ALA D 18 6.15 25.34 15.36
N LYS D 19 6.54 26.24 16.26
CA LYS D 19 5.61 26.88 17.19
C LYS D 19 4.33 27.38 16.52
N ASP D 20 4.48 28.16 15.46
CA ASP D 20 3.32 28.70 14.74
C ASP D 20 2.51 27.66 13.99
N ILE D 21 3.17 26.69 13.39
CA ILE D 21 2.44 25.65 12.67
C ILE D 21 1.63 24.84 13.67
N ILE D 22 2.24 24.53 14.81
CA ILE D 22 1.54 23.75 15.81
C ILE D 22 0.29 24.45 16.35
N GLU D 23 0.39 25.77 16.56
CA GLU D 23 -0.77 26.53 17.06
C GLU D 23 -1.92 26.46 16.06
N ARG D 24 -1.62 26.30 14.78
CA ARG D 24 -2.68 26.20 13.77
C ARG D 24 -3.63 25.02 14.02
N PHE D 25 -3.11 23.94 14.58
CA PHE D 25 -3.92 22.76 14.84
C PHE D 25 -4.85 22.80 16.05
N TYR D 26 -4.89 23.94 16.74
CA TYR D 26 -5.79 24.08 17.87
C TYR D 26 -7.13 24.60 17.35
N THR D 27 -7.21 24.76 16.03
CA THR D 27 -8.42 25.20 15.37
C THR D 27 -8.89 23.97 14.60
N ARG D 28 -9.96 23.34 15.09
CA ARG D 28 -10.47 22.14 14.43
C ARG D 28 -11.37 22.50 13.26
N HIS D 29 -11.43 21.61 12.26
CA HIS D 29 -12.26 21.87 11.08
C HIS D 29 -13.25 20.74 10.81
N GLY D 30 -13.43 19.86 11.78
CA GLY D 30 -14.40 18.79 11.61
C GLY D 30 -13.91 17.35 11.52
N ILE D 31 -12.60 17.11 11.59
CA ILE D 31 -12.13 15.75 11.50
C ILE D 31 -12.69 14.96 12.67
N GLU D 32 -12.80 15.61 13.82
CA GLU D 32 -13.31 15.00 15.05
C GLU D 32 -14.70 14.37 14.88
N THR D 33 -15.47 14.85 13.92
CA THR D 33 -16.82 14.35 13.67
C THR D 33 -16.90 13.03 12.92
N LEU D 34 -15.84 12.67 12.19
CA LEU D 34 -15.83 11.43 11.43
C LEU D 34 -15.84 10.20 12.34
N GLU D 35 -16.69 9.23 12.02
CA GLU D 35 -16.81 8.02 12.82
C GLU D 35 -15.55 7.17 12.89
N GLY D 36 -14.90 6.96 11.75
CA GLY D 36 -13.69 6.17 11.71
C GLY D 36 -12.46 6.84 12.31
N PHE D 37 -12.55 8.13 12.61
CA PHE D 37 -11.45 8.88 13.20
C PHE D 37 -11.34 8.63 14.70
N ASP D 38 -10.14 8.25 15.15
CA ASP D 38 -9.87 7.98 16.56
C ASP D 38 -9.01 8.98 17.31
N GLY D 39 -8.50 9.99 16.64
CA GLY D 39 -7.69 10.96 17.37
C GLY D 39 -6.44 11.34 16.62
N MET D 40 -5.71 12.32 17.16
CA MET D 40 -4.48 12.78 16.52
C MET D 40 -3.46 13.35 17.50
N PHE D 41 -2.22 13.43 17.02
CA PHE D 41 -1.11 13.99 17.78
C PHE D 41 -0.41 14.90 16.79
N VAL D 42 0.09 16.04 17.27
CA VAL D 42 0.88 16.94 16.43
C VAL D 42 2.18 17.01 17.23
N THR D 43 3.27 16.55 16.62
CA THR D 43 4.56 16.52 17.30
C THR D 43 5.63 17.37 16.66
N GLN D 44 6.65 17.69 17.44
CA GLN D 44 7.81 18.45 16.95
C GLN D 44 9.02 17.61 17.34
N THR D 45 9.82 17.24 16.36
CA THR D 45 10.99 16.41 16.62
C THR D 45 12.02 17.21 17.42
N LEU D 46 12.60 16.60 18.44
CA LEU D 46 13.55 17.28 19.29
C LEU D 46 15.00 17.18 18.85
N GLU D 47 15.76 18.22 19.18
CA GLU D 47 17.19 18.34 18.87
C GLU D 47 17.53 18.46 17.40
N GLN D 48 16.68 19.17 16.67
CA GLN D 48 16.89 19.39 15.26
C GLN D 48 17.42 20.80 15.14
N GLU D 49 18.49 20.99 14.37
CA GLU D 49 19.07 22.32 14.24
C GLU D 49 18.84 23.01 12.89
N ASP D 50 19.06 22.29 11.81
CA ASP D 50 18.94 22.89 10.49
C ASP D 50 17.53 23.10 9.99
N PHE D 51 16.60 22.29 10.45
CA PHE D 51 15.21 22.40 10.04
C PHE D 51 14.33 21.94 11.18
N ASP D 52 13.06 22.29 11.13
CA ASP D 52 12.12 21.81 12.13
C ASP D 52 11.32 20.73 11.42
N GLU D 53 10.74 19.84 12.21
CA GLU D 53 9.93 18.77 11.67
C GLU D 53 8.68 18.65 12.53
N VAL D 54 7.52 18.82 11.91
CA VAL D 54 6.25 18.70 12.63
C VAL D 54 5.46 17.56 11.99
N LYS D 55 4.96 16.64 12.80
CA LYS D 55 4.20 15.52 12.29
C LYS D 55 2.77 15.56 12.79
N ILE D 56 1.84 15.36 11.87
CA ILE D 56 0.43 15.34 12.20
C ILE D 56 0.07 13.86 12.07
N LEU D 57 -0.07 13.19 13.20
CA LEU D 57 -0.42 11.77 13.17
C LEU D 57 -1.92 11.63 13.44
N THR D 58 -2.61 10.92 12.55
CA THR D 58 -4.03 10.69 12.74
C THR D 58 -4.25 9.19 12.85
N VAL D 59 -5.01 8.80 13.87
CA VAL D 59 -5.32 7.40 14.16
C VAL D 59 -6.72 7.09 13.67
N TRP D 60 -6.83 6.03 12.88
CA TRP D 60 -8.12 5.64 12.31
C TRP D 60 -8.53 4.22 12.58
N LYS D 61 -9.83 4.00 12.47
CA LYS D 61 -10.44 2.71 12.66
C LYS D 61 -9.94 1.74 11.61
N SER D 62 -9.68 2.27 10.40
CA SER D 62 -9.18 1.48 9.28
C SER D 62 -8.70 2.38 8.15
N LYS D 63 -7.94 1.81 7.21
CA LYS D 63 -7.41 2.55 6.07
C LYS D 63 -8.50 3.26 5.25
N GLN D 64 -9.65 2.62 5.15
CA GLN D 64 -10.77 3.18 4.41
C GLN D 64 -11.24 4.48 5.06
N ALA D 65 -11.35 4.46 6.38
CA ALA D 65 -11.77 5.62 7.15
C ALA D 65 -10.92 6.84 6.78
N PHE D 66 -9.62 6.61 6.66
CA PHE D 66 -8.67 7.65 6.31
C PHE D 66 -8.84 8.14 4.87
N THR D 67 -8.90 7.20 3.92
CA THR D 67 -9.06 7.56 2.51
C THR D 67 -10.36 8.33 2.31
N ASP D 68 -11.42 7.94 3.03
CA ASP D 68 -12.71 8.62 2.93
C ASP D 68 -12.51 10.09 3.33
N TRP D 69 -11.77 10.29 4.42
CA TRP D 69 -11.46 11.64 4.93
C TRP D 69 -10.76 12.47 3.86
N LEU D 70 -9.86 11.83 3.12
CA LEU D 70 -9.11 12.52 2.08
C LEU D 70 -9.99 13.24 1.05
N LYS D 71 -11.14 12.66 0.74
CA LYS D 71 -12.02 13.25 -0.25
C LYS D 71 -13.15 14.08 0.36
N SER D 72 -13.12 14.24 1.68
CA SER D 72 -14.14 14.99 2.40
C SER D 72 -13.96 16.52 2.36
N ASP D 73 -15.03 17.21 2.75
CA ASP D 73 -15.06 18.67 2.80
C ASP D 73 -14.21 19.15 3.99
N VAL D 74 -14.22 18.38 5.08
CA VAL D 74 -13.45 18.75 6.25
C VAL D 74 -11.95 18.69 6.00
N PHE D 75 -11.52 17.81 5.08
CA PHE D 75 -10.11 17.67 4.75
C PHE D 75 -9.68 18.92 4.01
N LYS D 76 -10.54 19.38 3.12
CA LYS D 76 -10.25 20.58 2.35
C LYS D 76 -10.17 21.80 3.26
N ALA D 77 -11.11 21.92 4.19
CA ALA D 77 -11.15 23.04 5.13
C ALA D 77 -9.85 23.13 5.90
N ALA D 78 -9.39 22.01 6.43
CA ALA D 78 -8.16 22.00 7.19
C ALA D 78 -6.96 22.28 6.31
N HIS D 79 -6.80 21.53 5.23
CA HIS D 79 -5.66 21.73 4.35
C HIS D 79 -5.74 23.01 3.52
N LYS D 80 -5.62 24.13 4.21
CA LYS D 80 -5.61 25.46 3.60
C LYS D 80 -4.94 26.45 4.55
N SER D 91 3.70 28.41 4.20
CA SER D 91 4.80 29.32 3.87
C SER D 91 6.11 28.82 4.48
N PRO D 92 6.09 28.44 5.77
CA PRO D 92 7.32 27.96 6.38
C PRO D 92 7.56 26.48 6.08
N ILE D 93 6.64 25.87 5.32
CA ILE D 93 6.72 24.46 4.97
C ILE D 93 7.54 24.18 3.72
N ILE D 94 8.79 23.79 3.91
CA ILE D 94 9.69 23.50 2.81
C ILE D 94 9.18 22.34 1.97
N ASN D 95 8.42 21.45 2.60
CA ASN D 95 7.86 20.31 1.90
C ASN D 95 7.09 19.37 2.84
N ASN D 96 6.13 18.65 2.28
CA ASN D 96 5.32 17.74 3.07
C ASN D 96 5.22 16.37 2.40
N LYS D 97 5.22 15.33 3.23
CA LYS D 97 5.14 13.96 2.74
C LYS D 97 4.08 13.23 3.56
N VAL D 98 3.33 12.32 2.94
CA VAL D 98 2.30 11.55 3.64
C VAL D 98 2.73 10.10 3.74
N ILE D 99 2.78 9.57 4.95
CA ILE D 99 3.19 8.19 5.18
C ILE D 99 2.03 7.49 5.90
N THR D 100 1.88 6.18 5.65
CA THR D 100 0.83 5.43 6.30
C THR D 100 1.38 4.18 6.98
N TYR D 101 0.69 3.72 8.01
CA TYR D 101 1.10 2.56 8.79
C TYR D 101 -0.10 1.73 9.23
N ASP D 102 0.14 0.44 9.46
CA ASP D 102 -0.90 -0.41 10.01
C ASP D 102 -0.50 -0.52 11.48
N ILE D 103 -1.44 -0.23 12.37
CA ILE D 103 -1.16 -0.32 13.79
C ILE D 103 -1.38 -1.76 14.23
N GLY D 104 -0.29 -2.47 14.49
CA GLY D 104 -0.37 -3.86 14.90
C GLY D 104 -0.68 -4.03 16.37
N TYR D 105 -0.47 -2.97 17.13
CA TYR D 105 -0.71 -3.00 18.56
C TYR D 105 -0.77 -1.59 19.16
N SER D 106 -1.71 -1.39 20.08
CA SER D 106 -1.86 -0.12 20.77
C SER D 106 -2.39 -0.38 22.16
N TYR D 107 -1.97 0.44 23.11
CA TYR D 107 -2.39 0.30 24.49
C TYR D 107 -2.46 1.69 25.05
N MET D 108 -3.69 2.19 25.22
CA MET D 108 -3.90 3.53 25.72
C MET D 108 -4.34 3.49 27.18
N LYS D 109 -3.37 3.45 28.10
CA LYS D 109 -3.63 3.41 29.54
C LYS D 109 -4.77 4.34 29.95
#